data_3ANK
#
_entry.id   3ANK
#
_cell.length_a   105.178
_cell.length_b   53.267
_cell.length_c   70.136
_cell.angle_alpha   90.00
_cell.angle_beta   96.58
_cell.angle_gamma   90.00
#
_symmetry.space_group_name_H-M   'C 1 2 1'
#
loop_
_entity.id
_entity.type
_entity.pdbx_description
1 polymer 'Putative uncharacterized protein gbs1889'
2 branched '4-deoxy-alpha-L-threo-hex-4-enopyranuronic acid-(1-3)-2-acetamido-2-deoxy-6-O-sulfo-beta-D-galactopyranose'
3 non-polymer 1,2-ETHANEDIOL
4 water water
#
_entity_poly.entity_id   1
_entity_poly.type   'polypeptide(L)'
_entity_poly.pdbx_seq_one_letter_code
;MMKIKPVKVESIENPKRFLNSRLLTKIEVEEAIEKALKQLYINIDYFGEEYPTPATFNNIYKVMDNTEWTNGFWTGCLWL
AYEYNQDKKLKNIAHKNVLSFLNRINNRIALDHHDLGFLYTPSCTAEYRINGDVKALEATIKAADKLMERYQEKGGFIQA
WGELGYKEHYRLIINCLLNIQLLFFAYEQTGDEKYRQVAVNHFYASANNVVRDDSSAFHTFYFDPETGEPLKGVTRQGYS
DESSWARGQAWGIYGIPLSYRKMKDYQQIILFKGMTNYFLNRLPEDKVSYWDLIFTDGSGQPRDTSATATAVCGIHEMLK
YLPEVDPDKETYKYAMHTMLRSLIEQYSNNELIAGRPLLLHGVYSWHSGKGVDEGNIWGDYYYLEALIRFYKDWELYW
;
_entity_poly.pdbx_strand_id   A
#
# COMPACT_ATOMS: atom_id res chain seq x y z
N MET A 2 8.56 -14.56 -20.22
CA MET A 2 7.44 -13.64 -20.61
C MET A 2 8.04 -12.24 -20.72
N LYS A 3 7.45 -11.37 -21.53
CA LYS A 3 8.05 -10.06 -21.76
C LYS A 3 7.16 -8.92 -21.32
N ILE A 4 7.78 -7.85 -20.84
CA ILE A 4 7.05 -6.65 -20.51
C ILE A 4 7.16 -5.70 -21.69
N LYS A 5 6.05 -5.12 -22.10
CA LYS A 5 6.06 -4.21 -23.23
C LYS A 5 6.91 -2.99 -22.90
N PRO A 6 7.42 -2.30 -23.92
CA PRO A 6 8.21 -1.09 -23.72
C PRO A 6 7.35 0.04 -23.18
N VAL A 7 7.87 0.78 -22.21
CA VAL A 7 7.19 1.98 -21.74
C VAL A 7 8.18 3.12 -21.75
N LYS A 8 7.69 4.35 -21.78
CA LYS A 8 8.56 5.51 -21.71
C LYS A 8 9.05 5.71 -20.28
N VAL A 9 10.36 5.71 -20.09
CA VAL A 9 10.97 6.04 -18.82
C VAL A 9 11.44 7.50 -18.83
N GLU A 10 10.70 8.40 -18.19
CA GLU A 10 11.08 9.80 -18.11
C GLU A 10 12.32 9.92 -17.25
N SER A 11 13.26 10.77 -17.61
CA SER A 11 14.33 11.02 -16.65
C SER A 11 13.73 11.80 -15.49
N ILE A 12 14.36 11.71 -14.33
CA ILE A 12 13.84 12.41 -13.18
C ILE A 12 14.17 13.87 -13.31
N GLU A 13 13.14 14.71 -13.33
CA GLU A 13 13.34 16.14 -13.52
C GLU A 13 13.80 16.82 -12.23
N ASN A 14 14.71 17.77 -12.38
N ASN A 14 14.74 17.74 -12.36
CA ASN A 14 15.25 18.51 -11.25
CA ASN A 14 15.22 18.53 -11.23
C ASN A 14 15.50 17.65 -10.01
C ASN A 14 15.51 17.66 -10.00
N PRO A 15 16.38 16.64 -10.15
CA PRO A 15 16.68 15.70 -9.08
C PRO A 15 17.19 16.37 -7.79
N LYS A 16 17.75 17.58 -7.90
CA LYS A 16 18.21 18.27 -6.71
C LYS A 16 17.09 18.60 -5.74
N ARG A 17 15.85 18.67 -6.22
N ARG A 17 15.86 18.66 -6.24
CA ARG A 17 14.71 18.86 -5.33
CA ARG A 17 14.68 18.83 -5.38
C ARG A 17 14.57 17.69 -4.36
C ARG A 17 14.61 17.71 -4.34
N PHE A 18 15.30 16.60 -4.63
CA PHE A 18 15.35 15.47 -3.70
C PHE A 18 16.73 15.39 -3.06
N LEU A 19 17.75 15.50 -3.88
CA LEU A 19 19.14 15.33 -3.44
C LEU A 19 19.58 16.35 -2.39
N ASN A 20 18.97 17.52 -2.36
CA ASN A 20 19.32 18.52 -1.36
C ASN A 20 18.52 18.42 -0.05
N SER A 21 17.67 17.41 0.09
CA SER A 21 16.98 17.25 1.37
C SER A 21 17.92 16.63 2.38
N ARG A 22 17.61 16.83 3.65
CA ARG A 22 18.32 16.15 4.71
C ARG A 22 17.66 14.78 4.92
N LEU A 23 18.49 13.75 5.04
CA LEU A 23 18.01 12.41 5.32
C LEU A 23 17.34 12.39 6.68
N LEU A 24 16.31 11.56 6.81
CA LEU A 24 15.63 11.38 8.08
C LEU A 24 16.54 10.64 9.06
N THR A 25 16.70 11.20 10.25
CA THR A 25 17.56 10.60 11.26
C THR A 25 16.80 9.60 12.13
N LYS A 26 17.55 8.83 12.90
CA LYS A 26 16.99 7.84 13.80
C LYS A 26 16.04 8.52 14.79
N ILE A 27 16.51 9.61 15.37
CA ILE A 27 15.67 10.36 16.30
C ILE A 27 14.39 10.88 15.63
N GLU A 28 14.47 11.36 14.39
CA GLU A 28 13.27 11.85 13.72
C GLU A 28 12.24 10.75 13.48
N VAL A 29 12.72 9.60 13.03
CA VAL A 29 11.81 8.49 12.74
C VAL A 29 11.25 7.88 14.02
N GLU A 30 12.11 7.75 15.02
N GLU A 30 12.12 7.76 15.02
CA GLU A 30 11.68 7.25 16.31
CA GLU A 30 11.71 7.27 16.33
C GLU A 30 10.52 8.10 16.86
C GLU A 30 10.53 8.10 16.83
N GLU A 31 10.67 9.42 16.80
CA GLU A 31 9.62 10.32 17.30
C GLU A 31 8.32 10.25 16.48
N ALA A 32 8.43 10.09 15.16
CA ALA A 32 7.25 9.92 14.31
C ALA A 32 6.54 8.60 14.65
N ILE A 33 7.31 7.55 14.89
CA ILE A 33 6.77 6.27 15.36
C ILE A 33 6.04 6.42 16.70
N GLU A 34 6.70 7.07 17.68
CA GLU A 34 6.07 7.24 18.99
C GLU A 34 4.75 7.99 18.87
N LYS A 35 4.74 9.08 18.10
CA LYS A 35 3.53 9.86 17.92
C LYS A 35 2.42 9.03 17.30
N ALA A 36 2.76 8.22 16.30
CA ALA A 36 1.80 7.32 15.68
C ALA A 36 1.27 6.30 16.69
N LEU A 37 2.15 5.75 17.51
CA LEU A 37 1.75 4.71 18.45
C LEU A 37 0.84 5.24 19.55
N LYS A 38 1.03 6.49 19.94
CA LYS A 38 0.13 7.04 20.95
C LYS A 38 -1.28 7.04 20.40
N GLN A 39 -1.43 7.47 19.15
CA GLN A 39 -2.73 7.44 18.50
C GLN A 39 -3.25 6.00 18.42
N LEU A 40 -2.39 5.08 18.05
CA LEU A 40 -2.76 3.66 17.99
C LEU A 40 -3.31 3.09 19.32
N TYR A 41 -2.59 3.34 20.41
CA TYR A 41 -3.05 2.88 21.71
C TYR A 41 -4.37 3.53 22.14
N ILE A 42 -4.54 4.80 21.80
CA ILE A 42 -5.81 5.47 22.04
C ILE A 42 -6.91 4.76 21.22
N ASN A 43 -6.59 4.45 19.97
CA ASN A 43 -7.54 3.80 19.07
C ASN A 43 -7.88 2.37 19.46
N ILE A 44 -6.94 1.67 20.07
CA ILE A 44 -7.21 0.31 20.50
C ILE A 44 -8.36 0.32 21.50
N ASP A 45 -8.35 1.31 22.40
CA ASP A 45 -9.43 1.43 23.38
C ASP A 45 -10.73 1.79 22.69
N TYR A 46 -10.62 2.54 21.60
CA TYR A 46 -11.78 2.96 20.85
C TYR A 46 -12.40 1.81 20.03
N PHE A 47 -11.57 1.09 19.28
CA PHE A 47 -12.06 0.00 18.42
C PHE A 47 -12.30 -1.33 19.15
N GLY A 48 -11.56 -1.59 20.22
CA GLY A 48 -11.66 -2.90 20.89
C GLY A 48 -11.30 -4.05 19.96
N GLU A 49 -12.15 -5.06 19.87
CA GLU A 49 -11.92 -6.15 18.94
C GLU A 49 -12.55 -5.90 17.56
N GLU A 50 -13.07 -4.69 17.37
N GLU A 50 -13.08 -4.69 17.38
CA GLU A 50 -13.64 -4.28 16.10
CA GLU A 50 -13.62 -4.28 16.09
C GLU A 50 -12.62 -3.53 15.24
C GLU A 50 -12.66 -3.37 15.34
N TYR A 51 -13.10 -2.86 14.19
CA TYR A 51 -12.20 -2.23 13.22
C TYR A 51 -12.57 -0.80 12.84
N PRO A 52 -11.61 -0.04 12.29
CA PRO A 52 -11.96 1.26 11.73
C PRO A 52 -12.70 1.11 10.40
N THR A 53 -13.49 2.11 10.02
CA THR A 53 -14.04 2.16 8.68
C THR A 53 -12.89 2.46 7.72
N PRO A 54 -13.06 2.19 6.42
CA PRO A 54 -11.97 2.43 5.47
C PRO A 54 -11.38 3.83 5.63
N ALA A 55 -12.24 4.82 5.76
CA ALA A 55 -11.82 6.19 5.89
C ALA A 55 -12.52 6.85 7.07
N THR A 56 -12.01 8.01 7.47
CA THR A 56 -12.56 8.75 8.58
C THR A 56 -13.70 9.66 8.12
N PHE A 57 -14.46 10.17 9.08
CA PHE A 57 -15.54 11.11 8.83
C PHE A 57 -15.20 12.35 9.64
N ASN A 58 -14.90 13.44 8.96
CA ASN A 58 -14.36 14.61 9.65
C ASN A 58 -13.16 14.19 10.50
N ASN A 59 -12.34 13.31 9.93
CA ASN A 59 -11.09 12.87 10.53
C ASN A 59 -11.23 12.01 11.79
N ILE A 60 -12.42 11.44 11.97
CA ILE A 60 -12.68 10.46 13.01
C ILE A 60 -13.22 9.19 12.35
N TYR A 61 -12.53 8.08 12.55
CA TYR A 61 -13.05 6.81 12.05
C TYR A 61 -14.35 6.45 12.77
N LYS A 62 -15.25 5.75 12.08
CA LYS A 62 -16.31 5.04 12.78
C LYS A 62 -15.83 3.62 13.03
N VAL A 63 -16.62 2.86 13.77
CA VAL A 63 -16.25 1.50 14.14
C VAL A 63 -17.12 0.50 13.39
N MET A 64 -16.52 -0.57 12.89
CA MET A 64 -17.27 -1.53 12.08
C MET A 64 -16.78 -2.95 12.32
N ASP A 65 -17.52 -3.90 11.77
CA ASP A 65 -17.16 -5.31 11.89
C ASP A 65 -16.22 -5.73 10.76
N ASN A 66 -15.93 -7.02 10.67
CA ASN A 66 -14.94 -7.51 9.72
C ASN A 66 -15.52 -7.85 8.35
N THR A 67 -15.94 -6.83 7.62
CA THR A 67 -16.66 -7.04 6.37
C THR A 67 -16.28 -6.10 5.22
N GLU A 68 -15.18 -5.35 5.37
CA GLU A 68 -14.70 -4.45 4.30
C GLU A 68 -13.44 -5.01 3.64
N TRP A 69 -12.88 -4.28 2.68
CA TRP A 69 -11.63 -4.73 2.03
C TRP A 69 -10.42 -4.23 2.82
N THR A 70 -10.69 -3.44 3.86
CA THR A 70 -9.64 -2.66 4.51
C THR A 70 -9.30 -3.14 5.92
N ASN A 71 -10.04 -4.12 6.42
CA ASN A 71 -9.89 -4.52 7.81
C ASN A 71 -8.47 -4.93 8.19
N GLY A 72 -7.77 -5.56 7.24
CA GLY A 72 -6.42 -6.06 7.47
C GLY A 72 -5.39 -4.97 7.78
N PHE A 73 -5.61 -3.78 7.23
CA PHE A 73 -4.70 -2.67 7.43
C PHE A 73 -4.69 -2.22 8.89
N TRP A 74 -5.81 -2.40 9.58
CA TRP A 74 -5.86 -2.08 11.03
C TRP A 74 -4.99 -3.07 11.79
N THR A 75 -5.22 -4.35 11.56
CA THR A 75 -4.39 -5.39 12.17
C THR A 75 -2.91 -5.18 11.81
N GLY A 76 -2.63 -4.80 10.58
CA GLY A 76 -1.25 -4.53 10.17
C GLY A 76 -0.57 -3.45 10.99
N CYS A 77 -1.28 -2.38 11.28
CA CYS A 77 -0.78 -1.34 12.18
C CYS A 77 -0.39 -1.90 13.54
N LEU A 78 -1.22 -2.79 14.07
CA LEU A 78 -0.93 -3.40 15.36
C LEU A 78 0.37 -4.21 15.30
N TRP A 79 0.51 -5.04 14.27
CA TRP A 79 1.71 -5.85 14.13
C TRP A 79 2.93 -4.96 13.93
N LEU A 80 2.79 -3.92 13.12
CA LEU A 80 3.90 -2.99 12.90
C LEU A 80 4.36 -2.33 14.20
N ALA A 81 3.40 -1.88 15.01
CA ALA A 81 3.71 -1.31 16.32
C ALA A 81 4.42 -2.36 17.20
N TYR A 82 3.95 -3.60 17.11
CA TYR A 82 4.53 -4.71 17.85
C TYR A 82 5.98 -4.99 17.44
N GLU A 83 6.26 -4.85 16.15
CA GLU A 83 7.62 -4.88 15.60
C GLU A 83 8.51 -3.88 16.32
N TYR A 84 7.90 -2.78 16.74
CA TYR A 84 8.66 -1.69 17.33
C TYR A 84 8.89 -1.84 18.83
N ASN A 85 7.84 -2.10 19.61
CA ASN A 85 7.98 -2.16 21.07
C ASN A 85 7.71 -3.53 21.72
N GLN A 86 7.40 -4.54 20.92
CA GLN A 86 7.18 -5.89 21.42
C GLN A 86 6.15 -5.98 22.56
N ASP A 87 5.19 -5.08 22.57
CA ASP A 87 4.13 -5.09 23.58
C ASP A 87 3.12 -6.20 23.32
N LYS A 88 3.12 -7.23 24.18
CA LYS A 88 2.25 -8.41 24.02
C LYS A 88 0.77 -8.02 23.91
N LYS A 89 0.42 -6.86 24.45
CA LYS A 89 -0.96 -6.39 24.33
C LYS A 89 -1.37 -6.23 22.86
N LEU A 90 -0.48 -5.64 22.07
CA LEU A 90 -0.67 -5.52 20.63
C LEU A 90 -0.86 -6.89 19.99
N LYS A 91 0.02 -7.82 20.32
CA LYS A 91 -0.06 -9.12 19.67
C LYS A 91 -1.30 -9.90 20.12
N ASN A 92 -1.74 -9.64 21.34
CA ASN A 92 -2.95 -10.27 21.85
C ASN A 92 -4.17 -9.83 21.03
N ILE A 93 -4.30 -8.52 20.85
CA ILE A 93 -5.42 -7.97 20.08
C ILE A 93 -5.32 -8.32 18.60
N ALA A 94 -4.12 -8.18 18.03
CA ALA A 94 -3.91 -8.56 16.63
C ALA A 94 -4.24 -10.03 16.37
N HIS A 95 -3.83 -10.90 17.29
CA HIS A 95 -4.23 -12.31 17.17
C HIS A 95 -5.76 -12.55 17.21
N LYS A 96 -6.46 -11.78 18.04
N LYS A 96 -6.48 -11.78 18.03
CA LYS A 96 -7.93 -11.80 18.03
CA LYS A 96 -7.94 -11.88 18.00
C LYS A 96 -8.40 -11.49 16.61
C LYS A 96 -8.48 -11.44 16.64
N ASN A 97 -7.81 -10.47 16.00
CA ASN A 97 -8.19 -10.07 14.66
C ASN A 97 -8.00 -11.25 13.72
N VAL A 98 -6.82 -11.84 13.79
CA VAL A 98 -6.50 -13.02 12.99
C VAL A 98 -7.58 -14.10 13.13
N LEU A 99 -8.06 -14.33 14.36
CA LEU A 99 -9.10 -15.35 14.57
C LEU A 99 -10.38 -14.95 13.86
N SER A 100 -10.64 -13.66 13.85
CA SER A 100 -11.79 -13.13 13.13
C SER A 100 -11.61 -13.30 11.63
N PHE A 101 -10.38 -13.16 11.14
CA PHE A 101 -10.14 -13.33 9.72
C PHE A 101 -10.30 -14.79 9.30
N LEU A 102 -9.89 -15.71 10.16
CA LEU A 102 -10.04 -17.14 9.88
C LEU A 102 -11.52 -17.53 9.82
N ASN A 103 -12.31 -17.01 10.78
CA ASN A 103 -13.76 -17.17 10.76
C ASN A 103 -14.39 -16.59 9.50
N ARG A 104 -13.89 -15.42 9.09
CA ARG A 104 -14.38 -14.76 7.89
C ARG A 104 -14.12 -15.55 6.61
N ILE A 105 -12.96 -16.19 6.52
CA ILE A 105 -12.66 -17.02 5.35
C ILE A 105 -13.39 -18.37 5.42
N ASN A 106 -13.49 -18.94 6.62
CA ASN A 106 -14.19 -20.21 6.79
C ASN A 106 -15.64 -20.11 6.37
N ASN A 107 -16.23 -18.94 6.57
CA ASN A 107 -17.65 -18.69 6.29
C ASN A 107 -17.88 -17.85 5.04
N ARG A 108 -16.79 -17.52 4.35
CA ARG A 108 -16.87 -16.68 3.17
C ARG A 108 -17.77 -15.47 3.40
N ILE A 109 -17.46 -14.70 4.43
CA ILE A 109 -18.21 -13.49 4.71
C ILE A 109 -17.66 -12.30 3.95
N ALA A 110 -18.46 -11.78 3.01
CA ALA A 110 -18.12 -10.57 2.29
C ALA A 110 -16.75 -10.66 1.65
N LEU A 111 -16.53 -11.68 0.83
CA LEU A 111 -15.24 -11.87 0.19
C LEU A 111 -15.21 -11.57 -1.32
N ASP A 112 -14.30 -10.67 -1.71
CA ASP A 112 -14.03 -10.36 -3.11
C ASP A 112 -12.55 -10.61 -3.41
N HIS A 113 -12.29 -11.42 -4.44
CA HIS A 113 -10.94 -11.88 -4.73
C HIS A 113 -9.92 -10.75 -4.83
N HIS A 114 -10.34 -9.61 -5.38
CA HIS A 114 -9.43 -8.48 -5.58
C HIS A 114 -8.84 -7.95 -4.28
N ASP A 115 -9.35 -8.41 -3.14
CA ASP A 115 -8.96 -7.81 -1.86
C ASP A 115 -8.40 -8.81 -0.86
N LEU A 116 -8.28 -10.06 -1.28
CA LEU A 116 -7.84 -11.12 -0.38
C LEU A 116 -6.43 -10.88 0.13
N GLY A 117 -5.56 -10.36 -0.73
CA GLY A 117 -4.19 -10.05 -0.32
C GLY A 117 -4.19 -8.92 0.70
N PHE A 118 -4.88 -7.83 0.38
CA PHE A 118 -4.97 -6.69 1.29
C PHE A 118 -5.53 -7.10 2.64
N LEU A 119 -6.52 -8.01 2.62
CA LEU A 119 -7.15 -8.46 3.87
C LEU A 119 -6.27 -9.38 4.72
N TYR A 120 -5.66 -10.38 4.09
CA TYR A 120 -5.01 -11.47 4.81
C TYR A 120 -3.51 -11.32 5.03
N THR A 121 -2.87 -10.52 4.18
CA THR A 121 -1.41 -10.39 4.27
C THR A 121 -0.98 -9.59 5.50
N PRO A 122 -1.52 -8.38 5.69
CA PRO A 122 -1.08 -7.57 6.81
C PRO A 122 -1.61 -8.06 8.15
N SER A 123 -2.54 -9.03 8.12
CA SER A 123 -3.13 -9.54 9.35
C SER A 123 -2.61 -10.93 9.66
N CYS A 124 -2.90 -11.89 8.79
CA CYS A 124 -2.59 -13.29 9.06
C CYS A 124 -1.17 -13.68 8.64
N THR A 125 -0.77 -13.35 7.42
CA THR A 125 0.58 -13.66 6.98
C THR A 125 1.55 -12.94 7.91
N ALA A 126 1.22 -11.70 8.25
CA ALA A 126 2.01 -10.92 9.20
C ALA A 126 2.29 -11.71 10.47
N GLU A 127 1.23 -12.17 11.16
CA GLU A 127 1.47 -12.93 12.38
C GLU A 127 2.31 -14.18 12.11
N TYR A 128 2.06 -14.86 10.99
CA TYR A 128 2.86 -16.04 10.68
C TYR A 128 4.35 -15.69 10.60
N ARG A 129 4.68 -14.58 9.94
CA ARG A 129 6.08 -14.15 9.85
C ARG A 129 6.65 -13.91 11.23
N ILE A 130 5.82 -13.37 12.10
CA ILE A 130 6.31 -12.89 13.39
C ILE A 130 6.49 -14.00 14.41
N ASN A 131 5.50 -14.89 14.52
CA ASN A 131 5.61 -15.92 15.54
C ASN A 131 5.18 -17.31 15.09
N GLY A 132 4.89 -17.46 13.80
CA GLY A 132 4.61 -18.77 13.20
C GLY A 132 3.24 -19.35 13.52
N ASP A 133 2.34 -18.53 14.02
CA ASP A 133 1.03 -19.02 14.43
C ASP A 133 0.33 -19.87 13.35
N VAL A 134 -0.07 -21.10 13.70
CA VAL A 134 -0.67 -22.00 12.71
C VAL A 134 -2.08 -21.64 12.26
N LYS A 135 -2.82 -20.90 13.08
CA LYS A 135 -4.14 -20.43 12.68
C LYS A 135 -4.02 -19.27 11.69
N ALA A 136 -3.03 -18.41 11.92
CA ALA A 136 -2.73 -17.34 10.98
C ALA A 136 -2.34 -17.95 9.62
N LEU A 137 -1.52 -19.01 9.66
CA LEU A 137 -1.12 -19.69 8.42
C LEU A 137 -2.31 -20.33 7.72
N GLU A 138 -3.14 -21.02 8.49
CA GLU A 138 -4.35 -21.63 7.96
C GLU A 138 -5.26 -20.60 7.28
N ALA A 139 -5.51 -19.48 7.96
CA ALA A 139 -6.32 -18.41 7.35
C ALA A 139 -5.70 -17.94 6.03
N THR A 140 -4.39 -17.75 6.03
CA THR A 140 -3.70 -17.26 4.83
C THR A 140 -3.86 -18.20 3.64
N ILE A 141 -3.59 -19.48 3.86
CA ILE A 141 -3.64 -20.46 2.77
C ILE A 141 -5.04 -20.59 2.18
N LYS A 142 -6.04 -20.50 3.05
CA LYS A 142 -7.44 -20.57 2.63
C LYS A 142 -7.80 -19.35 1.76
N ALA A 143 -7.35 -18.17 2.18
CA ALA A 143 -7.49 -16.95 1.36
C ALA A 143 -6.80 -17.13 0.01
N ALA A 144 -5.58 -17.66 0.03
CA ALA A 144 -4.86 -17.96 -1.20
C ALA A 144 -5.67 -18.91 -2.10
N ASP A 145 -6.25 -19.94 -1.51
CA ASP A 145 -7.05 -20.89 -2.30
C ASP A 145 -8.29 -20.23 -2.86
N LYS A 146 -8.87 -19.30 -2.10
CA LYS A 146 -10.03 -18.55 -2.57
C LYS A 146 -9.65 -17.67 -3.76
N LEU A 147 -8.47 -17.07 -3.69
CA LEU A 147 -7.98 -16.23 -4.77
C LEU A 147 -7.71 -17.06 -6.03
N MET A 148 -7.27 -18.30 -5.84
CA MET A 148 -6.93 -19.18 -6.96
C MET A 148 -8.15 -19.56 -7.82
N GLU A 149 -9.18 -20.11 -7.19
CA GLU A 149 -10.40 -20.45 -7.91
C GLU A 149 -10.99 -19.15 -8.45
N ARG A 150 -10.98 -18.12 -7.60
CA ARG A 150 -11.59 -16.84 -7.92
C ARG A 150 -10.87 -16.14 -9.08
N TYR A 151 -9.63 -16.54 -9.36
CA TYR A 151 -8.94 -16.07 -10.56
C TYR A 151 -9.37 -16.88 -11.79
N LEU A 172 -8.91 -7.35 -13.92
CA LEU A 172 -7.52 -6.90 -14.06
C LEU A 172 -7.35 -5.43 -13.68
N ILE A 173 -6.76 -5.19 -12.51
CA ILE A 173 -6.47 -3.83 -12.08
C ILE A 173 -5.07 -3.78 -11.46
N ILE A 174 -4.47 -2.59 -11.48
CA ILE A 174 -3.09 -2.44 -11.03
C ILE A 174 -2.95 -2.88 -9.56
N ASN A 175 -4.02 -2.70 -8.80
CA ASN A 175 -4.12 -3.13 -7.41
C ASN A 175 -3.69 -4.58 -7.21
N CYS A 176 -3.95 -5.41 -8.21
CA CYS A 176 -3.66 -6.85 -8.13
C CYS A 176 -2.19 -7.15 -7.90
N LEU A 177 -1.32 -6.22 -8.27
CA LEU A 177 0.11 -6.40 -8.02
C LEU A 177 0.40 -6.64 -6.54
N LEU A 178 -0.43 -6.06 -5.66
CA LEU A 178 -0.29 -6.27 -4.23
C LEU A 178 -0.94 -7.58 -3.82
N ASN A 179 -2.00 -7.95 -4.53
CA ASN A 179 -2.81 -9.09 -4.18
C ASN A 179 -2.15 -10.43 -4.50
N ILE A 180 -1.37 -10.49 -5.56
CA ILE A 180 -0.69 -11.73 -5.92
C ILE A 180 0.42 -12.14 -4.94
N GLN A 181 0.85 -11.24 -4.07
CA GLN A 181 1.90 -11.60 -3.12
C GLN A 181 1.40 -12.73 -2.21
N LEU A 182 0.11 -12.74 -1.92
CA LEU A 182 -0.53 -13.84 -1.22
C LEU A 182 -0.23 -15.18 -1.91
N LEU A 183 -0.26 -15.18 -3.24
CA LEU A 183 -0.03 -16.38 -4.04
C LEU A 183 1.44 -16.83 -4.03
N PHE A 184 2.36 -15.87 -4.04
CA PHE A 184 3.78 -16.23 -3.90
C PHE A 184 4.02 -16.84 -2.53
N PHE A 185 3.35 -16.32 -1.49
CA PHE A 185 3.54 -16.87 -0.15
C PHE A 185 3.04 -18.32 -0.10
N ALA A 186 1.89 -18.58 -0.70
CA ALA A 186 1.31 -19.91 -0.73
C ALA A 186 2.25 -20.89 -1.46
N TYR A 187 2.83 -20.43 -2.57
CA TYR A 187 3.80 -21.24 -3.26
C TYR A 187 5.02 -21.59 -2.39
N GLU A 188 5.55 -20.60 -1.70
CA GLU A 188 6.69 -20.83 -0.84
C GLU A 188 6.33 -21.79 0.29
N GLN A 189 5.13 -21.64 0.85
CA GLN A 189 4.73 -22.47 1.97
C GLN A 189 4.42 -23.91 1.56
N THR A 190 3.84 -24.09 0.39
CA THR A 190 3.33 -25.40 -0.02
C THR A 190 4.18 -26.10 -1.08
N GLY A 191 5.02 -25.33 -1.76
CA GLY A 191 5.78 -25.85 -2.90
C GLY A 191 4.91 -26.15 -4.12
N ASP A 192 3.64 -25.80 -4.06
CA ASP A 192 2.72 -26.05 -5.17
C ASP A 192 2.86 -24.97 -6.26
N GLU A 193 3.55 -25.31 -7.35
CA GLU A 193 3.86 -24.35 -8.42
C GLU A 193 2.66 -23.65 -9.06
N LYS A 194 1.47 -24.22 -8.95
CA LYS A 194 0.33 -23.56 -9.58
C LYS A 194 0.02 -22.20 -8.95
N TYR A 195 0.30 -22.03 -7.66
CA TYR A 195 0.17 -20.72 -7.03
C TYR A 195 1.10 -19.74 -7.75
N ARG A 196 2.32 -20.18 -8.01
CA ARG A 196 3.31 -19.33 -8.63
C ARG A 196 3.03 -19.04 -10.11
N GLN A 197 2.53 -20.04 -10.82
CA GLN A 197 2.16 -19.85 -12.22
C GLN A 197 1.06 -18.78 -12.33
N VAL A 198 0.05 -18.85 -11.48
CA VAL A 198 -1.00 -17.84 -11.53
C VAL A 198 -0.46 -16.45 -11.15
N ALA A 199 0.40 -16.42 -10.14
CA ALA A 199 0.98 -15.15 -9.68
C ALA A 199 1.77 -14.53 -10.80
N VAL A 200 2.68 -15.31 -11.40
CA VAL A 200 3.52 -14.86 -12.49
C VAL A 200 2.71 -14.42 -13.73
N ASN A 201 1.78 -15.25 -14.17
CA ASN A 201 0.92 -14.88 -15.30
C ASN A 201 0.20 -13.58 -15.03
N HIS A 202 -0.35 -13.47 -13.83
CA HIS A 202 -1.11 -12.30 -13.49
C HIS A 202 -0.24 -11.05 -13.39
N PHE A 203 1.01 -11.20 -12.96
CA PHE A 203 1.90 -10.05 -12.97
C PHE A 203 2.03 -9.48 -14.38
N TYR A 204 2.37 -10.34 -15.34
CA TYR A 204 2.60 -9.89 -16.71
C TYR A 204 1.32 -9.37 -17.37
N ALA A 205 0.20 -10.01 -17.10
CA ALA A 205 -1.09 -9.54 -17.62
C ALA A 205 -1.36 -8.11 -17.14
N SER A 206 -1.04 -7.87 -15.87
CA SER A 206 -1.25 -6.56 -15.26
C SER A 206 -0.34 -5.51 -15.87
N ALA A 207 0.96 -5.79 -15.89
CA ALA A 207 1.92 -4.85 -16.43
C ALA A 207 1.56 -4.44 -17.86
N ASN A 208 1.21 -5.43 -18.69
CA ASN A 208 1.03 -5.15 -20.11
C ASN A 208 -0.33 -4.53 -20.44
N ASN A 209 -1.33 -4.77 -19.60
CA ASN A 209 -2.67 -4.27 -19.88
C ASN A 209 -3.12 -3.12 -18.99
N VAL A 210 -2.54 -2.98 -17.81
CA VAL A 210 -2.96 -1.91 -16.89
C VAL A 210 -1.90 -0.83 -16.66
N VAL A 211 -0.84 -0.81 -17.46
CA VAL A 211 0.10 0.29 -17.46
C VAL A 211 0.13 0.83 -18.88
N ARG A 212 0.06 2.15 -19.04
CA ARG A 212 0.16 2.76 -20.36
C ARG A 212 1.60 2.82 -20.85
N ASP A 213 1.76 3.01 -22.16
CA ASP A 213 3.10 3.08 -22.72
C ASP A 213 3.89 4.29 -22.20
N ASP A 214 3.20 5.26 -21.56
CA ASP A 214 3.91 6.39 -20.94
C ASP A 214 4.20 6.17 -19.44
N SER A 215 4.00 4.94 -18.97
CA SER A 215 4.28 4.54 -17.58
C SER A 215 3.21 4.91 -16.55
N SER A 216 2.14 5.54 -17.00
N SER A 216 2.14 5.54 -17.00
CA SER A 216 1.02 5.84 -16.11
CA SER A 216 1.01 5.82 -16.13
C SER A 216 0.13 4.60 -15.93
C SER A 216 0.16 4.57 -15.93
N ALA A 217 -0.30 4.37 -14.70
CA ALA A 217 -1.26 3.30 -14.41
C ALA A 217 -2.56 3.63 -15.14
N PHE A 218 -3.27 2.58 -15.59
CA PHE A 218 -4.56 2.76 -16.24
C PHE A 218 -5.60 1.86 -15.56
N HIS A 219 -6.80 1.83 -16.12
CA HIS A 219 -7.87 1.00 -15.59
C HIS A 219 -8.28 -0.01 -16.65
N THR A 220 -8.72 -1.19 -16.22
CA THR A 220 -9.27 -2.16 -17.16
C THR A 220 -10.78 -1.91 -17.29
N PHE A 221 -11.48 -2.77 -18.04
CA PHE A 221 -12.92 -2.58 -18.32
C PHE A 221 -13.75 -2.18 -17.09
N TYR A 222 -14.52 -1.09 -17.22
CA TYR A 222 -15.53 -0.71 -16.24
C TYR A 222 -16.90 -1.31 -16.60
N PHE A 223 -17.02 -1.86 -17.80
CA PHE A 223 -18.32 -2.29 -18.31
C PHE A 223 -18.25 -3.71 -18.83
N ASP A 224 -19.37 -4.42 -18.72
CA ASP A 224 -19.41 -5.79 -19.22
C ASP A 224 -18.96 -5.82 -20.68
N PRO A 225 -17.91 -6.60 -20.97
CA PRO A 225 -17.31 -6.72 -22.30
C PRO A 225 -18.21 -7.44 -23.31
N GLU A 226 -19.32 -8.00 -22.85
CA GLU A 226 -20.29 -8.64 -23.74
C GLU A 226 -21.53 -7.78 -23.97
N THR A 227 -21.94 -7.04 -22.94
CA THR A 227 -23.20 -6.31 -22.98
C THR A 227 -23.09 -4.81 -22.78
N GLY A 228 -21.94 -4.34 -22.29
CA GLY A 228 -21.76 -2.91 -22.01
C GLY A 228 -22.44 -2.47 -20.72
N GLU A 229 -22.99 -3.42 -19.98
CA GLU A 229 -23.62 -3.10 -18.70
C GLU A 229 -22.59 -2.65 -17.66
N PRO A 230 -22.97 -1.66 -16.83
CA PRO A 230 -22.11 -1.17 -15.74
C PRO A 230 -21.79 -2.31 -14.79
N LEU A 231 -20.52 -2.46 -14.43
CA LEU A 231 -20.12 -3.54 -13.54
C LEU A 231 -20.42 -3.16 -12.08
N LYS A 232 -21.19 -3.99 -11.39
CA LYS A 232 -21.49 -3.75 -9.98
C LYS A 232 -20.21 -3.74 -9.15
N GLY A 233 -20.12 -2.79 -8.23
CA GLY A 233 -19.00 -2.74 -7.29
C GLY A 233 -17.71 -2.15 -7.83
N VAL A 234 -17.68 -1.88 -9.13
CA VAL A 234 -16.49 -1.28 -9.75
C VAL A 234 -16.58 0.24 -9.70
N THR A 235 -15.55 0.88 -9.13
CA THR A 235 -15.54 2.32 -8.98
C THR A 235 -14.61 3.00 -9.99
N ARG A 236 -14.98 4.18 -10.45
CA ARG A 236 -14.08 4.92 -11.34
C ARG A 236 -12.79 5.29 -10.59
N GLN A 237 -11.65 4.94 -11.16
CA GLN A 237 -10.36 5.23 -10.55
C GLN A 237 -9.69 6.37 -11.31
N GLY A 238 -9.49 7.49 -10.64
CA GLY A 238 -8.84 8.62 -11.27
C GLY A 238 -9.85 9.65 -11.73
N TYR A 239 -9.37 10.84 -12.06
CA TYR A 239 -10.23 11.91 -12.54
C TYR A 239 -10.93 11.54 -13.84
N SER A 240 -10.18 11.01 -14.79
CA SER A 240 -10.76 10.63 -16.08
C SER A 240 -9.90 9.59 -16.79
N ASP A 241 -10.40 9.13 -17.93
CA ASP A 241 -9.67 8.20 -18.80
C ASP A 241 -8.33 8.76 -19.24
N GLU A 242 -8.15 10.07 -19.15
CA GLU A 242 -6.90 10.67 -19.61
C GLU A 242 -5.97 11.07 -18.45
N SER A 243 -6.39 10.82 -17.21
CA SER A 243 -5.61 11.27 -16.05
C SER A 243 -4.81 10.11 -15.44
N SER A 244 -4.26 10.32 -14.25
CA SER A 244 -3.43 9.31 -13.59
C SER A 244 -3.72 9.24 -12.10
N TRP A 245 -4.60 8.33 -11.71
CA TRP A 245 -4.93 8.10 -10.32
C TRP A 245 -3.65 7.93 -9.51
N ALA A 246 -3.46 8.75 -8.47
CA ALA A 246 -2.19 8.71 -7.73
C ALA A 246 -1.96 7.40 -7.00
N ARG A 247 -2.98 6.89 -6.31
CA ARG A 247 -2.82 5.64 -5.58
C ARG A 247 -2.61 4.45 -6.53
N GLY A 248 -3.28 4.49 -7.68
CA GLY A 248 -3.04 3.48 -8.72
C GLY A 248 -1.58 3.47 -9.15
N GLN A 249 -1.02 4.65 -9.32
CA GLN A 249 0.38 4.75 -9.71
C GLN A 249 1.26 4.12 -8.61
N ALA A 250 0.92 4.39 -7.37
CA ALA A 250 1.63 3.84 -6.19
C ALA A 250 1.49 2.34 -6.04
N TRP A 251 0.32 1.79 -6.37
CA TRP A 251 0.12 0.34 -6.34
C TRP A 251 1.15 -0.31 -7.26
N GLY A 252 1.45 0.36 -8.37
CA GLY A 252 2.46 -0.13 -9.32
C GLY A 252 3.86 0.02 -8.75
N ILE A 253 4.14 1.18 -8.15
CA ILE A 253 5.45 1.46 -7.60
C ILE A 253 5.85 0.47 -6.49
N TYR A 254 4.87 0.07 -5.69
CA TYR A 254 5.09 -0.94 -4.65
C TYR A 254 4.91 -2.36 -5.18
N GLY A 255 3.86 -2.60 -5.96
CA GLY A 255 3.60 -3.97 -6.41
C GLY A 255 4.70 -4.55 -7.28
N ILE A 256 5.38 -3.69 -8.04
CA ILE A 256 6.43 -4.17 -8.95
C ILE A 256 7.63 -4.77 -8.19
N PRO A 257 8.21 -3.99 -7.26
CA PRO A 257 9.36 -4.54 -6.51
C PRO A 257 8.96 -5.72 -5.62
N LEU A 258 7.76 -5.71 -5.07
CA LEU A 258 7.30 -6.89 -4.31
C LEU A 258 7.30 -8.11 -5.22
N SER A 259 6.81 -7.95 -6.45
CA SER A 259 6.79 -9.05 -7.40
C SER A 259 8.20 -9.42 -7.88
N TYR A 260 9.05 -8.41 -8.07
CA TYR A 260 10.43 -8.64 -8.48
C TYR A 260 11.20 -9.56 -7.50
N ARG A 261 10.91 -9.43 -6.20
CA ARG A 261 11.53 -10.30 -5.19
C ARG A 261 11.39 -11.75 -5.59
N LYS A 262 10.23 -12.07 -6.16
CA LYS A 262 9.86 -13.45 -6.38
C LYS A 262 10.10 -13.91 -7.81
N MET A 263 10.50 -12.99 -8.67
CA MET A 263 10.58 -13.25 -10.12
C MET A 263 11.95 -12.94 -10.72
N LYS A 264 12.63 -11.93 -10.19
N LYS A 264 12.59 -11.91 -10.17
CA LYS A 264 13.98 -11.59 -10.66
CA LYS A 264 13.92 -11.52 -10.62
C LYS A 264 14.08 -11.22 -12.14
C LYS A 264 13.96 -11.41 -12.14
N ASP A 265 13.01 -10.67 -12.69
CA ASP A 265 13.03 -10.28 -14.10
C ASP A 265 13.50 -8.83 -14.18
N TYR A 266 14.67 -8.58 -14.76
CA TYR A 266 15.21 -7.21 -14.82
C TYR A 266 14.29 -6.19 -15.48
N GLN A 267 13.44 -6.65 -16.39
CA GLN A 267 12.42 -5.77 -16.99
C GLN A 267 11.56 -5.12 -15.93
N GLN A 268 11.34 -5.83 -14.82
CA GLN A 268 10.51 -5.29 -13.76
C GLN A 268 11.14 -4.02 -13.16
N ILE A 269 12.46 -4.01 -13.09
CA ILE A 269 13.17 -2.85 -12.58
C ILE A 269 12.99 -1.66 -13.52
N ILE A 270 13.07 -1.91 -14.83
CA ILE A 270 12.84 -0.84 -15.80
C ILE A 270 11.41 -0.30 -15.69
N LEU A 271 10.45 -1.20 -15.56
CA LEU A 271 9.06 -0.79 -15.39
C LEU A 271 8.87 0.04 -14.11
N PHE A 272 9.53 -0.37 -13.04
CA PHE A 272 9.48 0.40 -11.80
C PHE A 272 10.02 1.81 -12.02
N LYS A 273 11.12 1.91 -12.75
CA LYS A 273 11.72 3.22 -12.99
C LYS A 273 10.74 4.10 -13.78
N GLY A 274 10.12 3.51 -14.79
CA GLY A 274 9.10 4.22 -15.57
C GLY A 274 7.97 4.73 -14.71
N MET A 275 7.41 3.86 -13.87
CA MET A 275 6.24 4.23 -13.07
C MET A 275 6.61 5.18 -11.95
N THR A 276 7.78 4.98 -11.37
CA THR A 276 8.24 5.82 -10.28
C THR A 276 8.65 7.21 -10.77
N ASN A 277 9.43 7.26 -11.86
CA ASN A 277 9.85 8.56 -12.36
C ASN A 277 8.64 9.39 -12.76
N TYR A 278 7.64 8.74 -13.35
CA TYR A 278 6.39 9.40 -13.74
C TYR A 278 5.72 10.04 -12.52
N PHE A 279 5.70 9.29 -11.43
CA PHE A 279 5.12 9.74 -10.17
C PHE A 279 5.92 10.95 -9.63
N LEU A 280 7.24 10.79 -9.53
CA LEU A 280 8.08 11.80 -8.93
C LEU A 280 8.00 13.11 -9.71
N ASN A 281 7.94 13.00 -11.03
CA ASN A 281 7.89 14.19 -11.89
C ASN A 281 6.59 14.96 -11.75
N ARG A 282 5.56 14.34 -11.20
CA ARG A 282 4.28 15.02 -11.04
C ARG A 282 3.94 15.34 -9.59
N LEU A 283 4.94 15.28 -8.72
CA LEU A 283 4.79 15.71 -7.33
C LEU A 283 4.85 17.23 -7.25
N PRO A 284 4.06 17.81 -6.33
CA PRO A 284 4.09 19.24 -6.14
C PRO A 284 5.22 19.68 -5.22
N GLU A 285 5.20 20.97 -4.88
N GLU A 285 5.21 20.96 -4.85
CA GLU A 285 6.25 21.61 -4.10
CA GLU A 285 6.34 21.55 -4.15
C GLU A 285 6.66 20.80 -2.88
C GLU A 285 6.69 20.83 -2.84
N ASP A 286 5.69 20.42 -2.07
CA ASP A 286 5.99 19.71 -0.82
C ASP A 286 6.18 18.19 -1.03
N LYS A 287 6.23 17.75 -2.28
CA LYS A 287 6.52 16.35 -2.62
C LYS A 287 5.46 15.35 -2.10
N VAL A 288 4.24 15.82 -1.92
CA VAL A 288 3.13 14.93 -1.56
C VAL A 288 2.06 14.95 -2.64
N SER A 289 1.80 13.78 -3.22
CA SER A 289 0.95 13.67 -4.41
C SER A 289 -0.46 14.19 -4.19
N TYR A 290 -0.97 14.95 -5.16
CA TYR A 290 -2.39 15.22 -5.24
C TYR A 290 -3.11 13.90 -5.54
N TRP A 291 -4.42 13.83 -5.31
CA TRP A 291 -5.12 12.55 -5.45
C TRP A 291 -5.05 12.00 -6.87
N ASP A 292 -4.92 12.90 -7.84
CA ASP A 292 -4.66 12.53 -9.24
C ASP A 292 -3.46 13.32 -9.72
N LEU A 293 -2.55 12.64 -10.40
CA LEU A 293 -1.27 13.26 -10.78
C LEU A 293 -1.39 14.35 -11.85
N ILE A 294 -2.58 14.50 -12.45
CA ILE A 294 -2.76 15.63 -13.37
C ILE A 294 -2.87 16.95 -12.61
N PHE A 295 -3.09 16.87 -11.29
CA PHE A 295 -3.15 18.08 -10.47
C PHE A 295 -1.84 18.37 -9.72
N THR A 296 -1.48 19.65 -9.63
CA THR A 296 -0.35 20.09 -8.82
C THR A 296 -0.74 21.37 -8.05
N ASP A 297 0.25 22.09 -7.53
CA ASP A 297 -0.03 23.31 -6.75
C ASP A 297 -0.90 24.27 -7.55
N GLY A 298 -1.91 24.84 -6.90
CA GLY A 298 -2.79 25.82 -7.54
C GLY A 298 -4.09 25.25 -8.05
N SER A 299 -4.23 23.93 -7.99
CA SER A 299 -5.42 23.28 -8.51
C SER A 299 -6.54 23.36 -7.50
N GLY A 300 -6.18 23.45 -6.23
CA GLY A 300 -7.15 23.43 -5.16
C GLY A 300 -7.71 22.03 -4.94
N GLN A 301 -7.18 21.04 -5.64
CA GLN A 301 -7.61 19.66 -5.40
C GLN A 301 -6.96 19.06 -4.15
N PRO A 302 -7.66 18.16 -3.46
CA PRO A 302 -7.17 17.52 -2.25
C PRO A 302 -5.97 16.63 -2.54
N ARG A 303 -5.11 16.43 -1.54
CA ARG A 303 -3.99 15.50 -1.66
C ARG A 303 -4.49 14.09 -1.47
N ASP A 304 -3.69 13.10 -1.86
CA ASP A 304 -3.88 11.73 -1.37
C ASP A 304 -2.59 11.24 -0.72
N THR A 305 -2.42 11.54 0.56
CA THR A 305 -1.20 11.16 1.26
C THR A 305 -0.97 9.65 1.19
N SER A 306 -2.06 8.88 1.13
CA SER A 306 -1.95 7.43 1.13
C SER A 306 -1.16 6.93 -0.09
N ALA A 307 -1.31 7.61 -1.24
CA ALA A 307 -0.51 7.31 -2.44
C ALA A 307 0.97 7.55 -2.19
N THR A 308 1.28 8.65 -1.52
CA THR A 308 2.65 8.99 -1.23
C THR A 308 3.31 8.02 -0.24
N ALA A 309 2.57 7.61 0.80
CA ALA A 309 3.11 6.65 1.77
C ALA A 309 3.40 5.30 1.12
N THR A 310 2.51 4.90 0.22
CA THR A 310 2.65 3.65 -0.50
C THR A 310 3.86 3.69 -1.44
N ALA A 311 4.04 4.80 -2.15
CA ALA A 311 5.20 4.99 -3.03
C ALA A 311 6.52 4.95 -2.25
N VAL A 312 6.54 5.55 -1.07
CA VAL A 312 7.72 5.49 -0.21
C VAL A 312 8.10 4.02 0.09
N CYS A 313 7.12 3.20 0.46
CA CYS A 313 7.38 1.79 0.77
C CYS A 313 7.92 1.07 -0.47
N GLY A 314 7.32 1.36 -1.62
CA GLY A 314 7.75 0.78 -2.88
C GLY A 314 9.18 1.15 -3.27
N ILE A 315 9.50 2.43 -3.22
CA ILE A 315 10.87 2.85 -3.47
C ILE A 315 11.84 2.20 -2.48
N HIS A 316 11.48 2.19 -1.20
CA HIS A 316 12.33 1.56 -0.18
C HIS A 316 12.58 0.10 -0.54
N GLU A 317 11.53 -0.61 -0.98
CA GLU A 317 11.67 -2.02 -1.33
C GLU A 317 12.57 -2.20 -2.56
N MET A 318 12.28 -1.44 -3.61
CA MET A 318 13.07 -1.60 -4.84
C MET A 318 14.55 -1.29 -4.58
N LEU A 319 14.84 -0.34 -3.71
CA LEU A 319 16.24 0.04 -3.43
C LEU A 319 17.07 -1.10 -2.85
N LYS A 320 16.41 -2.11 -2.28
CA LYS A 320 17.14 -3.28 -1.80
C LYS A 320 17.79 -4.07 -2.93
N TYR A 321 17.29 -3.88 -4.15
CA TYR A 321 17.69 -4.73 -5.27
C TYR A 321 18.37 -3.93 -6.40
N LEU A 322 18.10 -2.63 -6.43
CA LEU A 322 18.65 -1.78 -7.48
C LEU A 322 20.16 -1.76 -7.41
N PRO A 323 20.83 -2.01 -8.54
CA PRO A 323 22.28 -2.01 -8.60
C PRO A 323 22.88 -0.68 -8.17
N GLU A 324 24.02 -0.74 -7.48
CA GLU A 324 24.80 0.44 -7.10
C GLU A 324 25.15 1.32 -8.30
N VAL A 325 25.26 0.74 -9.49
CA VAL A 325 25.62 1.53 -10.67
C VAL A 325 24.43 2.24 -11.32
N ASP A 326 23.22 1.99 -10.82
CA ASP A 326 22.08 2.73 -11.36
C ASP A 326 22.26 4.20 -11.03
N PRO A 327 22.36 5.05 -12.07
CA PRO A 327 22.58 6.49 -11.91
C PRO A 327 21.49 7.18 -11.07
N ASP A 328 20.33 6.55 -10.93
CA ASP A 328 19.24 7.16 -10.15
C ASP A 328 19.08 6.59 -8.74
N LYS A 329 19.89 5.62 -8.37
CA LYS A 329 19.68 4.96 -7.08
C LYS A 329 19.70 5.96 -5.93
N GLU A 330 20.73 6.80 -5.90
CA GLU A 330 20.87 7.81 -4.86
C GLU A 330 19.71 8.83 -4.90
N THR A 331 19.29 9.22 -6.10
CA THR A 331 18.10 10.09 -6.22
C THR A 331 16.87 9.43 -5.61
N TYR A 332 16.66 8.14 -5.88
CA TYR A 332 15.51 7.45 -5.31
C TYR A 332 15.58 7.44 -3.78
N LYS A 333 16.77 7.19 -3.24
CA LYS A 333 16.92 7.20 -1.79
C LYS A 333 16.48 8.54 -1.22
N TYR A 334 17.05 9.62 -1.75
CA TYR A 334 16.70 10.97 -1.29
C TYR A 334 15.25 11.32 -1.55
N ALA A 335 14.71 10.86 -2.68
CA ALA A 335 13.28 11.08 -2.98
C ALA A 335 12.36 10.49 -1.92
N MET A 336 12.58 9.23 -1.55
CA MET A 336 11.72 8.61 -0.54
C MET A 336 11.86 9.28 0.83
N HIS A 337 13.09 9.66 1.19
CA HIS A 337 13.30 10.43 2.43
C HIS A 337 12.56 11.78 2.38
N THR A 338 12.64 12.43 1.22
CA THR A 338 11.95 13.71 1.01
C THR A 338 10.45 13.59 1.21
N MET A 339 9.85 12.60 0.56
CA MET A 339 8.42 12.35 0.69
C MET A 339 8.03 11.96 2.13
N LEU A 340 8.77 11.03 2.74
CA LEU A 340 8.45 10.63 4.10
C LEU A 340 8.57 11.82 5.07
N ARG A 341 9.62 12.63 4.91
CA ARG A 341 9.79 13.79 5.81
C ARG A 341 8.56 14.67 5.73
N SER A 342 8.09 14.90 4.51
CA SER A 342 6.96 15.77 4.28
C SER A 342 5.69 15.21 4.91
N LEU A 343 5.49 13.90 4.77
CA LEU A 343 4.35 13.26 5.42
C LEU A 343 4.43 13.43 6.94
N ILE A 344 5.60 13.17 7.52
CA ILE A 344 5.78 13.30 8.96
C ILE A 344 5.57 14.74 9.41
N GLU A 345 6.22 15.68 8.73
CA GLU A 345 6.21 17.07 9.20
C GLU A 345 4.92 17.82 8.90
N GLN A 346 4.24 17.48 7.80
CA GLN A 346 3.13 18.31 7.34
C GLN A 346 1.79 17.60 7.34
N TYR A 347 1.80 16.27 7.36
CA TYR A 347 0.56 15.52 7.17
C TYR A 347 0.18 14.55 8.29
N SER A 348 1.11 14.26 9.20
CA SER A 348 0.80 13.33 10.29
C SER A 348 -0.08 13.96 11.36
N ASN A 349 -0.91 13.13 11.99
CA ASN A 349 -1.88 13.60 12.95
C ASN A 349 -1.26 14.12 14.25
N ASN A 350 -1.70 15.29 14.70
CA ASN A 350 -1.19 15.85 15.94
C ASN A 350 -2.18 15.89 17.11
N GLU A 351 -3.46 15.77 16.84
N GLU A 351 -3.46 15.75 16.81
CA GLU A 351 -4.44 15.74 17.92
CA GLU A 351 -4.46 15.71 17.87
C GLU A 351 -4.73 14.31 18.36
C GLU A 351 -4.69 14.27 18.33
N LEU A 352 -4.29 13.99 19.57
CA LEU A 352 -4.41 12.64 20.10
C LEU A 352 -5.74 12.42 20.78
N ILE A 353 -6.79 12.25 19.97
CA ILE A 353 -8.11 11.94 20.48
C ILE A 353 -8.67 10.70 19.79
N ALA A 354 -9.52 9.97 20.51
CA ALA A 354 -10.04 8.70 20.03
C ALA A 354 -10.59 8.75 18.61
N GLY A 355 -10.10 7.87 17.74
CA GLY A 355 -10.66 7.77 16.39
C GLY A 355 -9.92 8.55 15.32
N ARG A 356 -8.95 9.38 15.73
CA ARG A 356 -8.14 10.13 14.77
C ARG A 356 -7.21 9.18 14.00
N PRO A 357 -6.90 9.51 12.75
CA PRO A 357 -6.04 8.64 11.97
C PRO A 357 -4.57 8.94 12.26
N LEU A 358 -3.66 8.17 11.68
CA LEU A 358 -2.24 8.46 11.86
C LEU A 358 -1.83 9.56 10.90
N LEU A 359 -2.49 9.58 9.75
CA LEU A 359 -2.11 10.42 8.63
C LEU A 359 -3.36 11.08 8.07
N LEU A 360 -3.28 12.39 7.84
CA LEU A 360 -4.42 13.16 7.33
C LEU A 360 -4.36 13.37 5.80
N HIS A 361 -5.49 13.81 5.26
CA HIS A 361 -5.56 14.27 3.86
C HIS A 361 -5.32 13.18 2.80
N GLY A 362 -6.07 12.10 2.89
CA GLY A 362 -6.10 11.14 1.80
C GLY A 362 -7.39 11.39 1.02
N VAL A 363 -7.53 10.71 -0.11
CA VAL A 363 -8.86 10.56 -0.69
C VAL A 363 -9.10 9.12 -1.12
N TYR A 364 -10.23 8.58 -0.66
CA TYR A 364 -10.67 7.23 -0.96
C TYR A 364 -11.25 7.18 -2.37
N SER A 365 -12.46 7.68 -2.53
CA SER A 365 -13.13 7.60 -3.83
C SER A 365 -13.67 8.99 -4.21
N TRP A 366 -12.91 9.71 -5.02
CA TRP A 366 -13.28 11.07 -5.43
C TRP A 366 -14.66 11.10 -6.12
N HIS A 367 -14.89 10.18 -7.04
CA HIS A 367 -16.12 10.23 -7.84
C HIS A 367 -17.39 9.92 -7.06
N SER A 368 -17.27 9.11 -6.02
CA SER A 368 -18.44 8.78 -5.22
C SER A 368 -18.54 9.67 -3.99
N GLY A 369 -17.61 10.61 -3.87
CA GLY A 369 -17.59 11.55 -2.74
C GLY A 369 -17.22 10.92 -1.41
N LYS A 370 -16.61 9.75 -1.44
CA LYS A 370 -16.26 9.06 -0.20
C LYS A 370 -14.81 9.24 0.21
N GLY A 371 -14.62 9.63 1.48
CA GLY A 371 -13.30 9.74 2.10
C GLY A 371 -12.43 10.76 1.40
N VAL A 372 -13.03 11.87 1.02
CA VAL A 372 -12.32 12.93 0.30
C VAL A 372 -11.71 13.87 1.31
N ASP A 373 -10.37 13.95 1.32
CA ASP A 373 -9.64 14.74 2.29
C ASP A 373 -9.88 14.21 3.71
N GLU A 374 -9.76 12.89 3.86
CA GLU A 374 -9.95 12.24 5.15
C GLU A 374 -8.77 11.31 5.36
N GLY A 375 -8.53 10.92 6.60
CA GLY A 375 -7.60 9.82 6.86
C GLY A 375 -8.21 8.54 6.30
N ASN A 376 -7.36 7.61 5.91
CA ASN A 376 -7.82 6.28 5.55
C ASN A 376 -6.88 5.24 6.14
N ILE A 377 -7.41 4.04 6.33
CA ILE A 377 -6.68 3.04 7.09
C ILE A 377 -5.50 2.44 6.31
N TRP A 378 -5.59 2.37 4.99
CA TRP A 378 -4.43 1.89 4.22
C TRP A 378 -3.32 2.95 4.23
N GLY A 379 -3.71 4.22 4.18
CA GLY A 379 -2.75 5.32 4.31
C GLY A 379 -2.00 5.24 5.63
N ASP A 380 -2.74 4.99 6.70
CA ASP A 380 -2.14 4.87 8.02
C ASP A 380 -1.18 3.70 8.05
N TYR A 381 -1.62 2.58 7.49
CA TYR A 381 -0.79 1.37 7.45
C TYR A 381 0.51 1.60 6.69
N TYR A 382 0.44 2.17 5.49
CA TYR A 382 1.66 2.34 4.69
C TYR A 382 2.60 3.42 5.23
N TYR A 383 2.02 4.43 5.89
CA TYR A 383 2.83 5.44 6.57
C TYR A 383 3.64 4.78 7.70
N LEU A 384 2.97 4.03 8.56
CA LEU A 384 3.64 3.29 9.63
C LEU A 384 4.63 2.26 9.04
N GLU A 385 4.24 1.59 7.96
CA GLU A 385 5.18 0.62 7.37
C GLU A 385 6.45 1.31 6.89
N ALA A 386 6.28 2.49 6.28
CA ALA A 386 7.41 3.28 5.82
C ALA A 386 8.34 3.64 6.97
N LEU A 387 7.76 4.08 8.09
CA LEU A 387 8.56 4.43 9.27
C LEU A 387 9.31 3.21 9.79
N ILE A 388 8.62 2.09 9.90
CA ILE A 388 9.25 0.88 10.44
C ILE A 388 10.37 0.40 9.49
N ARG A 389 10.10 0.47 8.19
CA ARG A 389 11.08 0.14 7.15
C ARG A 389 12.38 0.94 7.36
N PHE A 390 12.25 2.24 7.61
CA PHE A 390 13.41 3.11 7.77
C PHE A 390 14.15 2.81 9.06
N TYR A 391 13.39 2.47 10.10
CA TYR A 391 13.91 2.36 11.45
C TYR A 391 14.57 1.02 11.75
N LYS A 392 14.09 -0.05 11.13
N LYS A 392 14.08 -0.03 11.11
CA LYS A 392 14.61 -1.38 11.43
CA LYS A 392 14.55 -1.39 11.37
C LYS A 392 14.65 -2.25 10.17
C LYS A 392 14.89 -2.11 10.08
N ASP A 393 15.47 -3.29 10.22
CA ASP A 393 15.56 -4.22 9.12
C ASP A 393 14.28 -5.05 9.19
N TRP A 394 13.26 -4.64 8.46
CA TRP A 394 11.93 -5.21 8.64
C TRP A 394 11.69 -6.40 7.71
N GLU A 395 11.25 -7.51 8.29
CA GLU A 395 10.91 -8.69 7.52
C GLU A 395 9.49 -8.50 6.96
N LEU A 396 9.34 -8.54 5.63
CA LEU A 396 8.07 -8.18 4.99
C LEU A 396 6.90 -9.10 5.30
N TYR A 397 5.76 -8.51 5.64
CA TYR A 397 4.53 -9.28 5.67
C TYR A 397 4.24 -9.79 4.25
N TRP A 398 4.41 -8.89 3.26
CA TRP A 398 4.11 -9.20 1.85
C TRP A 398 5.00 -10.30 1.31
#